data_5SYB
#
_entry.id   5SYB
#
_cell.length_a   82.116
_cell.length_b   82.116
_cell.length_c   82.116
_cell.angle_alpha   90.00
_cell.angle_beta   90.00
_cell.angle_gamma   90.00
#
_symmetry.space_group_name_H-M   'P 21 3'
#
loop_
_entity.id
_entity.type
_entity.pdbx_description
1 polymer 'PHD finger-like domain-containing protein 5A'
2 non-polymer 'ZINC ION'
3 non-polymer 1,2-ETHANEDIOL
4 water water
#
_entity_poly.entity_id   1
_entity_poly.type   'polypeptide(L)'
_entity_poly.pdbx_seq_one_letter_code
;GGHMAKHHPDLIFCRKQAGVAIGRLCEKCDGKCVICDSYVRPSTLVRICDECNYGSYQGRCVICGGPGVSDAYYCKECTI
QEKDRDGCPKIVNLGSSKTDLFYERKKYGFKKR
;
_entity_poly.pdbx_strand_id   A,B
#
# COMPACT_ATOMS: atom_id res chain seq x y z
N ALA A 5 14.65 -0.98 12.86
CA ALA A 5 13.38 -0.32 13.03
C ALA A 5 13.49 1.16 12.76
N LYS A 6 12.42 1.90 13.00
CA LYS A 6 12.46 3.34 12.89
C LYS A 6 11.73 4.01 14.05
N HIS A 7 12.39 4.57 15.09
CA HIS A 7 13.82 4.70 15.39
C HIS A 7 14.76 5.51 14.51
N HIS A 8 15.29 4.79 13.57
CA HIS A 8 16.18 5.33 12.54
C HIS A 8 15.50 6.44 11.75
N PRO A 9 16.35 7.38 11.19
CA PRO A 9 15.66 8.43 10.43
C PRO A 9 15.68 8.17 8.94
N ASP A 10 16.71 7.48 8.46
CA ASP A 10 16.85 7.16 7.05
C ASP A 10 16.09 5.88 6.70
N LEU A 11 15.50 5.25 7.71
CA LEU A 11 14.75 4.02 7.52
C LEU A 11 13.24 4.28 7.62
N ILE A 12 12.47 3.54 6.83
CA ILE A 12 11.02 3.69 6.82
C ILE A 12 10.34 2.46 6.22
N PHE A 13 9.02 2.40 6.33
CA PHE A 13 8.25 1.29 5.79
C PHE A 13 7.94 1.50 4.30
N CYS A 14 8.36 0.55 3.47
CA CYS A 14 8.12 0.63 2.04
C CYS A 14 6.66 0.96 1.73
N ARG A 15 5.75 0.26 2.40
CA ARG A 15 4.36 0.47 2.21
C ARG A 15 3.86 0.54 0.75
N LYS A 16 4.65 0.07 -0.20
CA LYS A 16 4.13 0.00 -1.58
C LYS A 16 3.09 -1.13 -1.66
N GLN A 17 2.32 -1.14 -2.73
CA GLN A 17 1.34 -2.18 -2.94
C GLN A 17 2.04 -3.52 -3.06
N ALA A 18 1.64 -4.48 -2.23
CA ALA A 18 2.20 -5.80 -2.26
C ALA A 18 1.59 -6.59 -3.39
N GLY A 19 2.38 -7.45 -4.01
CA GLY A 19 1.93 -8.35 -4.99
C GLY A 19 1.89 -9.82 -4.56
N VAL A 20 2.37 -10.72 -5.43
CA VAL A 20 2.28 -12.15 -5.11
C VAL A 20 3.52 -12.71 -4.42
N ALA A 21 4.61 -11.94 -4.33
CA ALA A 21 5.81 -12.48 -3.72
C ALA A 21 5.69 -12.55 -2.20
N ILE A 22 6.13 -13.67 -1.65
CA ILE A 22 5.96 -14.01 -0.27
C ILE A 22 7.22 -13.71 0.51
N GLY A 23 7.06 -12.95 1.58
CA GLY A 23 8.22 -12.63 2.46
C GLY A 23 8.71 -13.86 3.20
N ARG A 24 10.01 -13.94 3.39
CA ARG A 24 10.62 -15.05 4.11
C ARG A 24 11.28 -14.64 5.46
N LEU A 25 11.56 -15.62 6.29
CA LEU A 25 12.35 -15.52 7.53
C LEU A 25 13.50 -16.54 7.59
N CYS A 26 14.62 -16.12 8.19
CA CYS A 26 15.77 -17.01 8.41
C CYS A 26 15.47 -17.91 9.62
N GLU A 27 16.41 -18.82 9.87
CA GLU A 27 16.34 -19.75 11.03
C GLU A 27 16.23 -18.99 12.28
N LYS A 28 17.04 -17.94 12.41
CA LYS A 28 17.04 -17.09 13.62
C LYS A 28 15.70 -16.37 13.89
N CYS A 29 15.11 -15.76 12.87
CA CYS A 29 13.84 -15.06 12.99
C CYS A 29 12.55 -15.90 12.90
N ASP A 30 12.67 -17.21 12.69
CA ASP A 30 11.49 -18.00 12.46
C ASP A 30 10.50 -17.94 13.64
N GLY A 31 9.23 -17.73 13.31
CA GLY A 31 8.15 -17.40 14.28
C GLY A 31 7.91 -15.94 14.65
N LYS A 32 8.84 -15.06 14.35
CA LYS A 32 8.75 -13.71 14.73
C LYS A 32 7.90 -12.89 13.75
N CYS A 33 7.21 -11.89 14.28
CA CYS A 33 6.41 -10.98 13.47
C CYS A 33 7.27 -9.91 12.87
N VAL A 34 7.14 -9.74 11.55
CA VAL A 34 7.82 -8.68 10.79
C VAL A 34 7.62 -7.26 11.27
N ILE A 35 6.48 -6.97 11.91
CA ILE A 35 6.17 -5.63 12.39
C ILE A 35 6.64 -5.44 13.85
N CYS A 36 6.22 -6.30 14.75
CA CYS A 36 6.46 -6.07 16.20
C CYS A 36 7.57 -6.91 16.81
N ASP A 37 8.13 -7.82 16.03
CA ASP A 37 9.20 -8.76 16.44
C ASP A 37 8.78 -9.79 17.49
N SER A 38 7.48 -9.83 17.83
CA SER A 38 6.96 -10.78 18.84
C SER A 38 6.76 -12.16 18.28
N TYR A 39 6.43 -13.09 19.17
CA TYR A 39 6.02 -14.40 18.81
C TYR A 39 4.52 -14.68 19.05
N VAL A 40 3.72 -13.65 19.08
CA VAL A 40 2.27 -13.80 19.13
C VAL A 40 1.90 -14.70 17.95
N ARG A 41 0.79 -15.39 18.03
CA ARG A 41 0.53 -16.40 17.05
C ARG A 41 0.36 -15.79 15.62
N PRO A 42 0.93 -16.45 14.65
CA PRO A 42 0.88 -16.01 13.24
C PRO A 42 -0.54 -15.92 12.78
N SER A 43 -0.87 -14.93 11.94
CA SER A 43 -2.20 -14.68 11.50
C SER A 43 -2.33 -14.59 9.97
N THR A 44 -1.47 -13.82 9.33
CA THR A 44 -1.62 -13.61 7.87
C THR A 44 -0.26 -13.59 7.20
N LEU A 45 -0.21 -14.29 6.06
CA LEU A 45 1.02 -14.40 5.28
C LEU A 45 1.46 -13.08 4.72
N VAL A 46 2.74 -12.80 4.86
CA VAL A 46 3.37 -11.54 4.42
C VAL A 46 3.61 -11.58 2.93
N ARG A 47 3.15 -10.54 2.24
CA ARG A 47 3.52 -10.40 0.86
C ARG A 47 4.30 -9.10 0.76
N ILE A 48 5.25 -9.07 -0.17
CA ILE A 48 6.10 -7.88 -0.37
C ILE A 48 5.92 -7.33 -1.80
N CYS A 49 6.36 -6.12 -2.04
CA CYS A 49 6.17 -5.50 -3.36
C CYS A 49 7.23 -6.07 -4.32
N ASP A 50 6.96 -5.90 -5.60
CA ASP A 50 7.81 -6.43 -6.65
C ASP A 50 9.21 -5.86 -6.53
N GLU A 51 9.30 -4.59 -6.19
CA GLU A 51 10.66 -3.97 -5.97
C GLU A 51 11.46 -4.52 -4.80
N CYS A 52 10.83 -4.73 -3.63
CA CYS A 52 11.52 -5.35 -2.50
C CYS A 52 11.95 -6.78 -2.78
N ASN A 53 11.22 -7.44 -3.64
CA ASN A 53 11.55 -8.79 -4.02
C ASN A 53 12.71 -8.87 -5.02
N TYR A 54 13.08 -7.76 -5.63
CA TYR A 54 14.15 -7.76 -6.60
C TYR A 54 15.54 -7.65 -6.01
N GLY A 55 16.46 -8.38 -6.56
CA GLY A 55 17.83 -8.25 -6.17
C GLY A 55 18.43 -9.06 -5.09
N SER A 56 19.43 -8.47 -4.47
CA SER A 56 20.19 -9.12 -3.45
C SER A 56 19.36 -9.71 -2.33
N TYR A 57 18.33 -8.99 -1.90
CA TYR A 57 17.47 -9.43 -0.83
C TYR A 57 16.38 -10.45 -1.26
N GLN A 58 16.35 -10.81 -2.52
CA GLN A 58 15.37 -11.80 -2.97
C GLN A 58 15.36 -13.17 -2.24
N GLY A 59 14.22 -13.61 -1.70
CA GLY A 59 14.16 -14.81 -0.88
C GLY A 59 14.91 -14.72 0.48
N ARG A 60 15.35 -13.55 0.88
CA ARG A 60 16.07 -13.41 2.15
C ARG A 60 15.10 -13.00 3.25
N CYS A 61 15.56 -13.12 4.49
CA CYS A 61 14.74 -12.79 5.67
C CYS A 61 14.27 -11.37 5.59
N VAL A 62 12.97 -11.16 5.69
CA VAL A 62 12.41 -9.80 5.69
C VAL A 62 12.80 -8.97 6.89
N ILE A 63 13.21 -9.61 7.98
CA ILE A 63 13.60 -8.90 9.20
C ILE A 63 15.10 -8.57 9.16
N CYS A 64 15.95 -9.54 8.91
CA CYS A 64 17.41 -9.28 9.01
C CYS A 64 18.25 -9.41 7.75
N GLY A 65 17.71 -9.96 6.66
CA GLY A 65 18.48 -10.22 5.47
C GLY A 65 19.19 -11.54 5.41
N GLY A 66 19.12 -12.35 6.47
CA GLY A 66 19.64 -13.72 6.40
C GLY A 66 19.00 -14.65 5.39
N PRO A 67 19.56 -15.84 5.17
CA PRO A 67 19.00 -16.78 4.20
C PRO A 67 17.61 -17.28 4.62
N GLY A 68 16.61 -17.16 3.74
CA GLY A 68 15.20 -17.46 4.11
C GLY A 68 14.96 -18.95 4.13
N VAL A 69 14.35 -19.47 5.19
CA VAL A 69 14.00 -20.89 5.31
C VAL A 69 12.50 -21.15 5.48
N SER A 70 11.73 -20.10 5.80
CA SER A 70 10.31 -20.25 6.06
C SER A 70 9.58 -18.98 5.66
N ASP A 71 8.27 -19.03 5.54
CA ASP A 71 7.50 -17.85 5.12
C ASP A 71 7.24 -16.93 6.36
N ALA A 72 7.26 -15.64 6.14
CA ALA A 72 6.97 -14.65 7.16
C ALA A 72 5.48 -14.42 7.30
N TYR A 73 5.05 -14.21 8.55
CA TYR A 73 3.68 -13.86 8.90
C TYR A 73 3.55 -12.61 9.74
N TYR A 74 2.46 -11.92 9.59
CA TYR A 74 2.05 -10.95 10.55
C TYR A 74 1.38 -11.67 11.72
N CYS A 75 1.70 -11.25 12.95
CA CYS A 75 1.04 -11.85 14.13
C CYS A 75 -0.42 -11.35 14.25
N LYS A 76 -1.16 -12.07 15.08
CA LYS A 76 -2.53 -11.75 15.29
C LYS A 76 -2.77 -10.36 15.88
N GLU A 77 -1.87 -9.88 16.71
CA GLU A 77 -2.08 -8.57 17.29
C GLU A 77 -1.86 -7.55 16.19
N CYS A 78 -0.88 -7.78 15.33
CA CYS A 78 -0.67 -6.89 14.22
C CYS A 78 -1.85 -6.83 13.21
N THR A 79 -2.51 -7.93 12.94
CA THR A 79 -3.65 -7.95 12.03
C THR A 79 -4.85 -7.32 12.70
N ILE A 80 -4.97 -7.48 14.01
CA ILE A 80 -6.02 -6.77 14.75
C ILE A 80 -5.82 -5.22 14.66
N GLN A 81 -4.59 -4.77 14.84
CA GLN A 81 -4.24 -3.36 14.71
C GLN A 81 -4.15 -2.92 13.25
N GLU A 82 -4.39 -3.81 12.29
CA GLU A 82 -4.46 -3.49 10.84
C GLU A 82 -3.14 -3.04 10.22
N LYS A 83 -2.02 -3.52 10.78
CA LYS A 83 -0.68 -3.22 10.27
C LYS A 83 -0.42 -3.92 8.93
N ASP A 84 -1.09 -5.02 8.66
CA ASP A 84 -1.03 -5.62 7.38
C ASP A 84 -1.73 -4.84 6.26
N ARG A 85 -2.52 -3.82 6.60
CA ARG A 85 -3.28 -3.17 5.58
C ARG A 85 -2.53 -1.98 4.96
N ASP A 86 -1.31 -1.73 5.41
CA ASP A 86 -0.53 -0.61 4.96
C ASP A 86 0.29 -0.89 3.68
N GLY A 87 0.49 -2.18 3.36
CA GLY A 87 1.29 -2.59 2.20
C GLY A 87 2.58 -3.34 2.58
N CYS A 88 3.59 -3.26 1.70
CA CYS A 88 4.85 -3.96 1.87
C CYS A 88 5.51 -3.60 3.20
N PRO A 89 5.80 -4.60 4.04
CA PRO A 89 6.29 -4.33 5.39
C PRO A 89 7.79 -4.31 5.49
N LYS A 90 8.49 -4.36 4.39
CA LYS A 90 9.91 -4.39 4.46
C LYS A 90 10.46 -3.03 4.88
N ILE A 91 11.50 -3.02 5.71
CA ILE A 91 12.18 -1.75 6.03
C ILE A 91 13.10 -1.39 4.88
N VAL A 92 12.98 -0.19 4.35
CA VAL A 92 13.89 0.26 3.31
C VAL A 92 14.71 1.51 3.72
N ASN A 93 15.82 1.72 3.01
CA ASN A 93 16.78 2.81 3.30
C ASN A 93 16.61 3.97 2.32
N LEU A 94 16.13 5.12 2.80
CA LEU A 94 15.84 6.26 1.94
C LEU A 94 15.65 7.47 2.81
N LYS B 6 3.85 19.23 -0.41
CA LYS B 6 2.50 18.80 -0.10
C LYS B 6 1.47 19.84 -0.50
N HIS B 7 0.32 19.83 0.17
CA HIS B 7 -0.75 20.78 -0.14
C HIS B 7 -1.40 21.29 1.14
N HIS B 8 -1.86 20.37 1.98
CA HIS B 8 -2.50 20.73 3.24
C HIS B 8 -1.72 20.19 4.43
N PRO B 9 -1.99 20.80 5.65
CA PRO B 9 -1.21 20.26 6.77
C PRO B 9 -2.03 19.26 7.58
N ASP B 10 -3.06 18.68 6.97
CA ASP B 10 -3.92 17.72 7.65
C ASP B 10 -4.37 16.62 6.69
N LEU B 11 -4.03 16.79 5.41
CA LEU B 11 -4.40 15.81 4.40
C LEU B 11 -3.20 15.01 3.88
N ILE B 12 -3.40 13.74 3.57
CA ILE B 12 -2.33 12.84 3.07
C ILE B 12 -3.00 11.91 2.08
N PHE B 13 -2.24 11.37 1.12
CA PHE B 13 -2.70 10.21 0.33
C PHE B 13 -2.86 9.05 1.24
N CYS B 14 -3.92 8.28 1.01
CA CYS B 14 -4.25 7.21 1.96
C CYS B 14 -3.14 6.18 2.00
N ARG B 15 -2.83 5.65 0.82
CA ARG B 15 -1.77 4.69 0.63
C ARG B 15 -1.93 3.36 1.27
N LYS B 16 -3.14 3.01 1.78
CA LYS B 16 -3.38 1.65 2.23
C LYS B 16 -3.47 0.65 1.08
N GLN B 17 -3.35 -0.61 1.39
CA GLN B 17 -3.48 -1.68 0.39
C GLN B 17 -4.87 -1.64 -0.24
N ALA B 18 -4.90 -1.52 -1.56
CA ALA B 18 -6.14 -1.48 -2.26
C ALA B 18 -6.65 -2.89 -2.44
N GLY B 19 -7.98 -3.00 -2.46
CA GLY B 19 -8.67 -4.21 -2.65
C GLY B 19 -9.41 -4.19 -3.97
N VAL B 20 -10.64 -4.70 -3.99
CA VAL B 20 -11.36 -4.82 -5.25
C VAL B 20 -12.23 -3.63 -5.61
N ALA B 21 -12.50 -2.72 -4.67
CA ALA B 21 -13.40 -1.59 -4.93
C ALA B 21 -12.75 -0.69 -5.97
N ILE B 22 -13.50 -0.28 -6.97
CA ILE B 22 -13.06 0.59 -7.99
C ILE B 22 -13.36 2.04 -7.68
N GLY B 23 -12.36 2.90 -7.78
CA GLY B 23 -12.57 4.36 -7.56
C GLY B 23 -13.40 4.98 -8.69
N ARG B 24 -14.20 6.00 -8.32
CA ARG B 24 -15.07 6.69 -9.22
C ARG B 24 -14.68 8.15 -9.40
N LEU B 25 -15.25 8.76 -10.45
CA LEU B 25 -15.08 10.19 -10.75
C LEU B 25 -16.43 10.81 -10.98
N CYS B 26 -16.58 12.08 -10.55
CA CYS B 26 -17.77 12.87 -10.87
C CYS B 26 -17.72 13.44 -12.30
N GLU B 27 -18.83 14.09 -12.65
CA GLU B 27 -18.93 14.82 -13.92
C GLU B 27 -17.95 15.95 -14.07
N LYS B 28 -17.58 16.63 -12.98
CA LYS B 28 -16.66 17.75 -13.07
C LYS B 28 -15.25 17.22 -13.25
N CYS B 29 -14.97 16.05 -12.67
CA CYS B 29 -13.63 15.44 -12.69
C CYS B 29 -13.42 14.41 -13.85
N ASP B 30 -14.40 14.26 -14.74
CA ASP B 30 -14.37 13.20 -15.75
C ASP B 30 -13.12 13.38 -16.63
N GLY B 31 -12.35 12.27 -16.81
CA GLY B 31 -11.16 12.24 -17.66
C GLY B 31 -9.88 12.77 -17.01
N LYS B 32 -9.98 13.23 -15.77
CA LYS B 32 -8.80 13.69 -15.04
C LYS B 32 -8.15 12.53 -14.33
N CYS B 33 -6.82 12.60 -14.23
CA CYS B 33 -6.05 11.67 -13.40
C CYS B 33 -6.21 12.02 -11.95
N VAL B 34 -6.49 11.01 -11.13
CA VAL B 34 -6.55 11.18 -9.69
C VAL B 34 -5.28 11.67 -8.98
N ILE B 35 -4.14 11.51 -9.58
CA ILE B 35 -2.90 11.93 -8.96
C ILE B 35 -2.57 13.35 -9.47
N CYS B 36 -2.57 13.56 -10.77
CA CYS B 36 -1.98 14.80 -11.34
C CYS B 36 -2.98 15.75 -11.93
N ASP B 37 -4.28 15.37 -11.91
CA ASP B 37 -5.36 16.18 -12.48
C ASP B 37 -5.30 16.46 -14.01
N SER B 38 -4.43 15.77 -14.74
CA SER B 38 -4.18 16.10 -16.13
C SER B 38 -5.08 15.23 -16.93
N TYR B 39 -5.16 15.55 -18.21
CA TYR B 39 -5.92 14.77 -19.18
C TYR B 39 -4.98 13.88 -20.01
N VAL B 40 -3.78 13.65 -19.49
CA VAL B 40 -2.90 12.60 -20.03
C VAL B 40 -3.72 11.28 -20.24
N ARG B 41 -3.42 10.57 -21.31
CA ARG B 41 -4.17 9.40 -21.64
C ARG B 41 -4.15 8.38 -20.48
N PRO B 42 -5.27 7.71 -20.28
CA PRO B 42 -5.41 6.83 -19.12
C PRO B 42 -4.65 5.57 -19.29
N SER B 43 -4.28 4.96 -18.18
CA SER B 43 -3.42 3.80 -18.26
C SER B 43 -3.94 2.62 -17.38
N THR B 44 -4.30 2.88 -16.11
CA THR B 44 -4.65 1.79 -15.14
C THR B 44 -5.85 2.20 -14.30
N LEU B 45 -6.74 1.27 -14.13
CA LEU B 45 -7.94 1.45 -13.36
C LEU B 45 -7.63 1.62 -11.89
N VAL B 46 -8.22 2.63 -11.30
CA VAL B 46 -7.99 2.91 -9.85
C VAL B 46 -8.76 1.94 -8.96
N ARG B 47 -8.07 1.33 -8.01
CA ARG B 47 -8.69 0.60 -6.93
C ARG B 47 -8.41 1.36 -5.64
N ILE B 48 -9.41 1.32 -4.77
CA ILE B 48 -9.29 1.90 -3.43
C ILE B 48 -9.34 0.89 -2.31
N CYS B 49 -8.97 1.33 -1.11
CA CYS B 49 -8.91 0.42 0.02
C CYS B 49 -10.34 0.26 0.59
N ASP B 50 -10.51 -0.79 1.41
CA ASP B 50 -11.88 -1.12 1.92
C ASP B 50 -12.40 0.02 2.80
N GLU B 51 -11.51 0.70 3.54
CA GLU B 51 -11.91 1.80 4.38
C GLU B 51 -12.35 3.04 3.58
N CYS B 52 -11.67 3.38 2.50
CA CYS B 52 -12.12 4.51 1.70
C CYS B 52 -13.41 4.22 0.95
N ASN B 53 -13.74 2.96 0.77
CA ASN B 53 -14.96 2.61 0.07
C ASN B 53 -16.16 2.62 0.97
N TYR B 54 -15.92 2.76 2.24
CA TYR B 54 -16.99 2.73 3.19
C TYR B 54 -17.65 4.06 3.46
N GLY B 55 -18.93 4.01 3.72
CA GLY B 55 -19.65 5.19 4.09
C GLY B 55 -19.82 6.36 3.18
N SER B 56 -19.55 7.56 3.68
CA SER B 56 -19.79 8.79 2.95
C SER B 56 -19.18 8.88 1.60
N TYR B 57 -18.07 8.22 1.41
CA TYR B 57 -17.37 8.28 0.16
C TYR B 57 -17.69 7.11 -0.79
N GLN B 58 -18.52 6.20 -0.35
CA GLN B 58 -18.86 5.08 -1.17
C GLN B 58 -19.46 5.45 -2.52
N GLY B 59 -18.82 5.07 -3.62
CA GLY B 59 -19.33 5.40 -4.98
C GLY B 59 -19.17 6.88 -5.40
N ARG B 60 -18.50 7.66 -4.57
CA ARG B 60 -18.26 9.05 -4.81
C ARG B 60 -16.90 9.27 -5.49
N CYS B 61 -16.75 10.43 -6.09
CA CYS B 61 -15.50 10.88 -6.71
C CYS B 61 -14.31 10.71 -5.79
N VAL B 62 -13.30 9.98 -6.26
CA VAL B 62 -12.03 9.91 -5.47
C VAL B 62 -11.29 11.26 -5.25
N ILE B 63 -11.50 12.17 -6.19
CA ILE B 63 -10.86 13.47 -6.21
C ILE B 63 -11.59 14.41 -5.23
N CYS B 64 -12.89 14.56 -5.41
CA CYS B 64 -13.62 15.66 -4.71
C CYS B 64 -14.79 15.22 -3.85
N GLY B 65 -15.16 13.93 -3.87
CA GLY B 65 -16.31 13.44 -3.13
C GLY B 65 -17.68 13.61 -3.75
N GLY B 66 -17.73 14.19 -4.94
CA GLY B 66 -18.98 14.36 -5.65
C GLY B 66 -19.58 13.06 -6.20
N PRO B 67 -20.83 13.08 -6.71
CA PRO B 67 -21.54 11.89 -7.19
C PRO B 67 -20.79 11.20 -8.32
N GLY B 68 -20.54 9.91 -8.16
CA GLY B 68 -19.62 9.22 -9.10
C GLY B 68 -20.37 8.80 -10.35
N VAL B 69 -19.81 9.05 -11.51
CA VAL B 69 -20.46 8.68 -12.76
C VAL B 69 -19.62 7.84 -13.70
N SER B 70 -18.35 7.72 -13.40
CA SER B 70 -17.40 6.98 -14.24
C SER B 70 -16.27 6.48 -13.37
N ASP B 71 -15.58 5.46 -13.87
CA ASP B 71 -14.40 4.86 -13.19
C ASP B 71 -13.18 5.72 -13.31
N ALA B 72 -12.48 5.86 -12.20
CA ALA B 72 -11.25 6.60 -12.17
C ALA B 72 -10.04 5.82 -12.70
N TYR B 73 -9.19 6.51 -13.42
CA TYR B 73 -7.92 5.96 -13.94
C TYR B 73 -6.73 6.81 -13.50
N TYR B 74 -5.59 6.13 -13.41
CA TYR B 74 -4.31 6.77 -13.38
C TYR B 74 -3.91 7.03 -14.84
N CYS B 75 -3.29 8.19 -15.07
CA CYS B 75 -2.79 8.50 -16.41
C CYS B 75 -1.49 7.78 -16.69
N LYS B 76 -1.12 7.76 -17.95
CA LYS B 76 0.08 7.06 -18.36
C LYS B 76 1.32 7.65 -17.78
N GLU B 77 1.38 8.99 -17.63
CA GLU B 77 2.57 9.57 -17.01
C GLU B 77 2.72 9.13 -15.57
N CYS B 78 1.62 9.07 -14.85
CA CYS B 78 1.66 8.57 -13.44
C CYS B 78 2.05 7.09 -13.30
N THR B 79 1.60 6.23 -14.22
CA THR B 79 2.01 4.81 -14.13
C THR B 79 3.46 4.67 -14.53
N ILE B 80 3.94 5.51 -15.46
CA ILE B 80 5.37 5.48 -15.79
C ILE B 80 6.20 5.88 -14.57
N GLN B 81 5.73 6.88 -13.83
CA GLN B 81 6.36 7.32 -12.61
C GLN B 81 5.96 6.42 -11.38
N GLU B 82 5.23 5.34 -11.62
CA GLU B 82 4.93 4.37 -10.59
C GLU B 82 4.01 4.88 -9.48
N LYS B 83 3.12 5.86 -9.80
CA LYS B 83 2.33 6.49 -8.75
C LYS B 83 1.19 5.59 -8.36
N ASP B 84 0.89 4.61 -9.20
CA ASP B 84 -0.14 3.62 -8.90
C ASP B 84 0.39 2.51 -7.98
N ARG B 85 1.69 2.45 -7.75
CA ARG B 85 2.25 1.36 -6.96
C ARG B 85 2.21 1.64 -5.46
N ASP B 86 1.71 2.81 -5.06
CA ASP B 86 1.84 3.26 -3.66
C ASP B 86 0.62 2.81 -2.84
N GLY B 87 -0.43 2.38 -3.48
CA GLY B 87 -1.65 1.96 -2.78
C GLY B 87 -2.86 2.82 -3.15
N CYS B 88 -3.83 2.83 -2.25
CA CYS B 88 -5.03 3.64 -2.36
C CYS B 88 -4.67 5.15 -2.57
N PRO B 89 -5.16 5.75 -3.63
CA PRO B 89 -4.74 7.13 -3.98
C PRO B 89 -5.72 8.17 -3.47
N LYS B 90 -6.70 7.79 -2.66
CA LYS B 90 -7.65 8.77 -2.13
C LYS B 90 -6.94 9.75 -1.15
N ILE B 91 -7.20 11.06 -1.23
CA ILE B 91 -6.74 12.01 -0.13
C ILE B 91 -7.63 11.89 1.07
N VAL B 92 -7.03 11.74 2.25
CA VAL B 92 -7.70 11.56 3.51
C VAL B 92 -7.17 12.56 4.60
N ASN B 93 -7.97 12.82 5.60
CA ASN B 93 -7.62 13.74 6.73
C ASN B 93 -7.12 12.97 7.98
N LEU B 94 -6.00 13.38 8.59
CA LEU B 94 -5.54 12.78 9.88
C LEU B 94 -6.57 12.84 11.05
N GLY B 95 -7.02 14.06 11.40
CA GLY B 95 -8.12 14.31 12.37
C GLY B 95 -9.06 13.18 12.79
#